data_8WEU
#
_entry.id   8WEU
#
_cell.length_a   134.918
_cell.length_b   134.918
_cell.length_c   139.558
_cell.angle_alpha   90.00
_cell.angle_beta   90.00
_cell.angle_gamma   90.00
#
_symmetry.space_group_name_H-M   'I 41 2 2'
#
loop_
_entity.id
_entity.type
_entity.pdbx_description
1 polymer 'Fatty-acyl-CoA synthase'
2 non-polymer DI(HYDROXYETHYL)ETHER
3 water water
#
_entity_poly.entity_id   1
_entity_poly.type   'polypeptide(L)'
_entity_poly.pdbx_seq_one_letter_code
;MRNQGLGSWPVRRARMSPHATAVRHGGTALTYAELSRRVARLAHGLREAGVRPGDRVAYLGPNHPAYLETLFACGQAGAV
FVPLNFRLGVPELDHALADSGASVLIHTPEHAETVAALAGDRLLRVPAGELEAADDEPLDLPVGLDDVCLLMYTSGSTGR
PKGAMLTHGNLTWNCVNVLVETDLASDERALVAAPLFHAAALGMVCLPTLLKGGTVILHSAFDPGAVLSAVEQERVTLVF
GVPTMYQAIAAHPRWRSTDLSSLRTLLCGGAPVPADLAGRYLDRGLAFVQGYGMTEAAPGVLVLDRAHVAEKIGSAGVPS
FFTDVRVAGPSGEPVPPGEKGEIVVSGPNVMKGYWGRPEATAEVLRDGWFRSGDVATVDGDGYFHVVDRLKDMIISGGEN
IYPAEVENELYGYPGVEACAVIGVPDPRWGEVGKAVVVPAAGSRIDGAELLAWLRTRLAGYKVPKSVEFTDRLPTTGSGK
ILKGEVRRRFGLEHHHHHH
;
_entity_poly.pdbx_strand_id   A
#
loop_
_chem_comp.id
_chem_comp.type
_chem_comp.name
_chem_comp.formula
PEG non-polymer DI(HYDROXYETHYL)ETHER 'C4 H10 O3'
#
# COMPACT_ATOMS: atom_id res chain seq x y z
N MET A 1 -16.23 22.35 16.41
CA MET A 1 -15.75 22.29 15.01
C MET A 1 -16.67 21.36 14.23
N ARG A 2 -17.15 21.78 13.06
CA ARG A 2 -18.13 21.05 12.23
C ARG A 2 -17.41 19.98 11.41
N ASN A 3 -16.16 20.24 11.04
CA ASN A 3 -15.35 19.33 10.21
C ASN A 3 -14.64 18.34 11.16
N GLN A 4 -15.09 17.10 11.15
CA GLN A 4 -14.55 16.03 12.01
C GLN A 4 -13.47 15.27 11.26
N GLY A 5 -13.32 15.51 9.96
CA GLY A 5 -12.50 14.70 9.05
C GLY A 5 -11.12 15.27 8.86
N LEU A 6 -10.36 14.69 7.93
CA LEU A 6 -8.93 15.03 7.73
C LEU A 6 -8.80 16.49 7.32
N GLY A 7 -9.83 17.09 6.71
CA GLY A 7 -9.75 18.52 6.34
C GLY A 7 -9.39 19.38 7.54
N SER A 8 -9.77 18.95 8.75
CA SER A 8 -9.66 19.77 9.96
C SER A 8 -8.27 19.61 10.57
N TRP A 9 -7.49 18.64 10.15
CA TRP A 9 -6.30 18.17 10.90
C TRP A 9 -5.25 19.29 10.95
N PRO A 10 -4.98 19.99 9.82
CA PRO A 10 -4.02 21.09 9.82
C PRO A 10 -4.43 22.17 10.81
N VAL A 11 -5.72 22.47 10.91
CA VAL A 11 -6.22 23.46 11.91
C VAL A 11 -5.99 22.90 13.32
N ARG A 12 -6.32 21.63 13.59
CA ARG A 12 -6.20 21.11 14.98
C ARG A 12 -4.71 21.10 15.36
N ARG A 13 -3.83 20.74 14.44
CA ARG A 13 -2.39 20.53 14.77
C ARG A 13 -1.71 21.92 14.88
N ALA A 14 -2.15 22.94 14.14
CA ALA A 14 -1.57 24.29 14.19
C ALA A 14 -1.88 24.95 15.55
N ARG A 15 -2.94 24.53 16.26
CA ARG A 15 -3.25 25.05 17.62
C ARG A 15 -2.26 24.50 18.65
N MET A 16 -1.63 23.36 18.35
CA MET A 16 -0.81 22.59 19.33
C MET A 16 0.66 22.86 19.09
N SER A 17 1.12 22.80 17.84
CA SER A 17 2.55 22.82 17.50
C SER A 17 2.73 23.67 16.26
N PRO A 18 2.34 24.97 16.30
CA PRO A 18 2.25 25.77 15.09
C PRO A 18 3.61 25.90 14.39
N HIS A 19 4.69 25.98 15.16
CA HIS A 19 6.02 26.33 14.63
C HIS A 19 6.90 25.09 14.43
N ALA A 20 6.46 23.89 14.82
CA ALA A 20 7.14 22.61 14.49
C ALA A 20 7.08 22.38 12.98
N THR A 21 8.13 21.80 12.41
CA THR A 21 8.21 21.43 10.99
C THR A 21 7.35 20.20 10.75
N ALA A 22 6.35 20.36 9.90
CA ALA A 22 5.38 19.32 9.49
C ALA A 22 5.97 18.50 8.34
N VAL A 23 6.56 19.18 7.35
CA VAL A 23 6.81 18.63 6.00
C VAL A 23 8.14 19.19 5.48
N ARG A 24 9.00 18.31 4.98
CA ARG A 24 10.24 18.70 4.24
C ARG A 24 10.23 18.00 2.88
N HIS A 25 10.59 18.73 1.85
CA HIS A 25 10.70 18.23 0.47
C HIS A 25 11.71 19.13 -0.27
N GLY A 26 12.88 18.59 -0.63
CA GLY A 26 14.03 19.29 -1.20
C GLY A 26 14.34 20.55 -0.42
N GLY A 27 14.13 21.70 -1.04
CA GLY A 27 14.29 23.01 -0.37
C GLY A 27 13.19 23.28 0.64
N THR A 28 11.94 22.93 0.33
CA THR A 28 10.72 23.29 1.11
C THR A 28 10.85 22.82 2.55
N ALA A 29 10.44 23.64 3.50
CA ALA A 29 10.13 23.22 4.89
C ALA A 29 8.87 23.94 5.29
N LEU A 30 7.81 23.20 5.68
CA LEU A 30 6.51 23.78 6.12
C LEU A 30 6.31 23.49 7.60
N THR A 31 6.07 24.52 8.38
CA THR A 31 5.56 24.38 9.78
C THR A 31 4.09 23.96 9.71
N TYR A 32 3.53 23.48 10.80
CA TYR A 32 2.09 23.15 10.88
C TYR A 32 1.27 24.40 10.63
N ALA A 33 1.69 25.56 11.15
CA ALA A 33 0.96 26.84 10.95
C ALA A 33 0.97 27.18 9.46
N GLU A 34 2.09 27.03 8.74
CA GLU A 34 2.14 27.35 7.28
C GLU A 34 1.36 26.29 6.49
N LEU A 35 1.46 25.01 6.85
CA LEU A 35 0.66 23.95 6.18
C LEU A 35 -0.82 24.32 6.26
N SER A 36 -1.32 24.73 7.44
CA SER A 36 -2.77 25.03 7.65
C SER A 36 -3.20 26.19 6.75
N ARG A 37 -2.36 27.22 6.62
CA ARG A 37 -2.73 28.42 5.83
C ARG A 37 -2.72 28.05 4.35
N ARG A 38 -1.72 27.28 3.90
CA ARG A 38 -1.63 26.76 2.51
C ARG A 38 -2.89 25.93 2.20
N VAL A 39 -3.27 25.03 3.11
CA VAL A 39 -4.48 24.17 2.93
C VAL A 39 -5.71 25.07 2.75
N ALA A 40 -5.84 26.10 3.55
CA ALA A 40 -7.04 26.96 3.56
C ALA A 40 -7.09 27.77 2.25
N ARG A 41 -5.93 28.20 1.77
CA ARG A 41 -5.82 28.94 0.49
C ARG A 41 -6.27 27.98 -0.60
N LEU A 42 -5.83 26.70 -0.55
CA LEU A 42 -6.22 25.74 -1.60
C LEU A 42 -7.72 25.41 -1.47
N ALA A 43 -8.26 25.30 -0.24
CA ALA A 43 -9.70 24.99 -0.08
C ALA A 43 -10.55 26.09 -0.70
N HIS A 44 -10.23 27.37 -0.41
CA HIS A 44 -10.91 28.57 -1.01
C HIS A 44 -10.84 28.49 -2.53
N GLY A 45 -9.66 28.21 -3.10
CA GLY A 45 -9.43 28.14 -4.56
C GLY A 45 -10.16 26.97 -5.20
N LEU A 46 -10.27 25.80 -4.52
CA LEU A 46 -11.14 24.68 -4.98
C LEU A 46 -12.60 25.16 -5.11
N ARG A 47 -13.15 25.75 -4.05
CA ARG A 47 -14.53 26.31 -4.00
C ARG A 47 -14.76 27.33 -5.12
N GLU A 48 -13.81 28.26 -5.32
CA GLU A 48 -13.91 29.33 -6.35
C GLU A 48 -13.88 28.68 -7.72
N ALA A 49 -13.15 27.58 -7.87
CA ALA A 49 -13.13 26.79 -9.12
C ALA A 49 -14.39 25.90 -9.23
N GLY A 50 -15.39 25.97 -8.33
CA GLY A 50 -16.65 25.21 -8.50
C GLY A 50 -16.78 23.95 -7.63
N VAL A 51 -15.78 23.58 -6.82
CA VAL A 51 -15.81 22.37 -5.96
C VAL A 51 -16.89 22.52 -4.87
N ARG A 52 -17.81 21.55 -4.81
CA ARG A 52 -18.93 21.49 -3.82
C ARG A 52 -18.86 20.18 -3.04
N PRO A 53 -19.49 20.10 -1.84
CA PRO A 53 -19.46 18.87 -1.04
C PRO A 53 -19.72 17.61 -1.89
N GLY A 54 -18.92 16.56 -1.70
CA GLY A 54 -18.99 15.28 -2.42
C GLY A 54 -18.26 15.21 -3.77
N ASP A 55 -17.92 16.33 -4.41
CA ASP A 55 -17.19 16.32 -5.70
C ASP A 55 -15.81 15.67 -5.48
N ARG A 56 -15.19 15.13 -6.53
CA ARG A 56 -13.87 14.46 -6.49
C ARG A 56 -12.81 15.38 -7.12
N VAL A 57 -11.68 15.49 -6.46
CA VAL A 57 -10.47 16.23 -6.91
C VAL A 57 -9.35 15.21 -6.96
N ALA A 58 -8.80 15.00 -8.15
CA ALA A 58 -7.70 14.05 -8.37
C ALA A 58 -6.36 14.78 -8.21
N TYR A 59 -5.34 14.02 -7.86
CA TYR A 59 -3.96 14.54 -7.82
C TYR A 59 -3.10 13.57 -8.63
N LEU A 60 -2.36 14.10 -9.61
CA LEU A 60 -1.39 13.33 -10.40
C LEU A 60 -0.05 14.00 -10.20
N GLY A 61 0.80 13.35 -9.42
CA GLY A 61 2.16 13.82 -9.12
C GLY A 61 2.79 12.82 -8.20
N PRO A 62 4.07 13.05 -7.83
CA PRO A 62 4.77 12.20 -6.88
C PRO A 62 4.48 12.59 -5.43
N ASN A 63 5.09 11.88 -4.47
CA ASN A 63 5.23 12.41 -3.11
C ASN A 63 5.73 13.84 -3.26
N HIS A 64 5.05 14.78 -2.61
CA HIS A 64 5.22 16.24 -2.81
C HIS A 64 4.30 16.95 -1.85
N PRO A 65 4.69 18.10 -1.30
CA PRO A 65 3.79 18.85 -0.45
C PRO A 65 2.38 18.96 -1.06
N ALA A 66 2.29 19.07 -2.39
CA ALA A 66 1.02 19.28 -3.11
C ALA A 66 0.05 18.11 -2.84
N TYR A 67 0.57 16.90 -2.73
CA TYR A 67 -0.23 15.70 -2.41
C TYR A 67 -1.01 15.99 -1.13
N LEU A 68 -0.32 16.45 -0.08
CA LEU A 68 -0.90 16.63 1.28
C LEU A 68 -1.81 17.86 1.28
N GLU A 69 -1.36 18.94 0.63
CA GLU A 69 -2.16 20.18 0.46
C GLU A 69 -3.51 19.83 -0.21
N THR A 70 -3.49 18.98 -1.22
CA THR A 70 -4.70 18.60 -1.98
C THR A 70 -5.60 17.71 -1.08
N LEU A 71 -5.04 16.68 -0.44
CA LEU A 71 -5.75 15.78 0.52
C LEU A 71 -6.53 16.65 1.50
N PHE A 72 -5.83 17.52 2.24
CA PHE A 72 -6.42 18.29 3.37
C PHE A 72 -7.37 19.37 2.86
N ALA A 73 -6.99 20.05 1.77
CA ALA A 73 -7.84 21.08 1.14
C ALA A 73 -9.14 20.42 0.68
N CYS A 74 -9.09 19.22 0.06
CA CYS A 74 -10.32 18.49 -0.34
C CYS A 74 -11.21 18.32 0.88
N GLY A 75 -10.69 17.74 1.94
CA GLY A 75 -11.46 17.53 3.18
C GLY A 75 -12.06 18.84 3.67
N GLN A 76 -11.34 19.94 3.52
CA GLN A 76 -11.78 21.24 4.11
C GLN A 76 -12.88 21.83 3.25
N ALA A 77 -12.90 21.48 1.95
CA ALA A 77 -13.95 21.86 0.99
C ALA A 77 -15.08 20.84 0.98
N GLY A 78 -15.03 19.83 1.83
CA GLY A 78 -16.04 18.75 1.86
C GLY A 78 -15.99 17.86 0.62
N ALA A 79 -14.85 17.79 -0.07
CA ALA A 79 -14.67 17.02 -1.31
C ALA A 79 -13.99 15.68 -1.03
N VAL A 80 -13.97 14.81 -2.04
CA VAL A 80 -13.33 13.48 -2.00
C VAL A 80 -12.02 13.58 -2.78
N PHE A 81 -10.92 13.22 -2.13
CA PHE A 81 -9.57 13.18 -2.75
C PHE A 81 -9.40 11.88 -3.57
N VAL A 82 -8.79 12.00 -4.75
CA VAL A 82 -8.46 10.81 -5.57
C VAL A 82 -6.99 10.87 -5.93
N PRO A 83 -6.13 10.17 -5.17
CA PRO A 83 -4.71 10.09 -5.52
C PRO A 83 -4.45 9.07 -6.65
N LEU A 84 -4.12 9.56 -7.85
CA LEU A 84 -4.01 8.65 -9.01
C LEU A 84 -2.64 7.97 -8.92
N ASN A 85 -2.54 6.71 -9.34
CA ASN A 85 -1.25 6.00 -9.52
C ASN A 85 -0.47 6.70 -10.65
N PHE A 86 0.69 7.27 -10.34
CA PHE A 86 1.34 8.25 -11.25
C PHE A 86 2.08 7.53 -12.38
N ARG A 87 2.14 6.18 -12.38
CA ARG A 87 2.83 5.37 -13.42
C ARG A 87 1.85 4.89 -14.48
N LEU A 88 0.55 5.08 -14.29
CA LEU A 88 -0.46 4.63 -15.29
C LEU A 88 -0.27 5.42 -16.59
N GLY A 89 -0.58 4.80 -17.72
CA GLY A 89 -0.72 5.50 -19.01
C GLY A 89 -2.05 6.17 -19.10
N VAL A 90 -2.32 6.77 -20.25
CA VAL A 90 -3.45 7.71 -20.45
C VAL A 90 -4.78 6.97 -20.40
N PRO A 91 -4.94 5.79 -21.06
CA PRO A 91 -6.24 5.09 -21.02
C PRO A 91 -6.61 4.66 -19.58
N GLU A 92 -5.61 4.29 -18.77
CA GLU A 92 -5.86 3.85 -17.37
C GLU A 92 -6.24 5.10 -16.54
N LEU A 93 -5.54 6.23 -16.70
CA LEU A 93 -5.92 7.49 -16.01
C LEU A 93 -7.31 7.90 -16.47
N ASP A 94 -7.61 7.78 -17.76
CA ASP A 94 -8.95 8.14 -18.27
C ASP A 94 -9.98 7.28 -17.54
N HIS A 95 -9.73 5.98 -17.41
CA HIS A 95 -10.64 5.04 -16.70
C HIS A 95 -10.81 5.45 -15.22
N ALA A 96 -9.75 5.78 -14.50
CA ALA A 96 -9.87 6.17 -13.08
C ALA A 96 -10.64 7.49 -12.96
N LEU A 97 -10.42 8.43 -13.88
CA LEU A 97 -11.05 9.77 -13.92
C LEU A 97 -12.54 9.68 -14.24
N ALA A 98 -12.93 8.80 -15.15
CA ALA A 98 -14.36 8.55 -15.50
C ALA A 98 -15.04 7.79 -14.36
N ASP A 99 -14.39 6.77 -13.80
CA ASP A 99 -15.00 5.99 -12.70
C ASP A 99 -15.23 6.93 -11.51
N SER A 100 -14.19 7.62 -11.04
CA SER A 100 -14.26 8.58 -9.91
C SER A 100 -15.20 9.75 -10.25
N GLY A 101 -15.37 10.11 -11.52
CA GLY A 101 -16.06 11.35 -11.91
C GLY A 101 -15.40 12.57 -11.28
N ALA A 102 -14.07 12.59 -11.13
CA ALA A 102 -13.28 13.76 -10.72
C ALA A 102 -13.64 14.96 -11.60
N SER A 103 -13.89 16.13 -11.00
CA SER A 103 -14.21 17.38 -11.75
C SER A 103 -12.98 18.28 -11.80
N VAL A 104 -12.01 18.05 -10.92
CA VAL A 104 -10.71 18.78 -10.93
C VAL A 104 -9.59 17.76 -10.87
N LEU A 105 -8.54 17.95 -11.69
CA LEU A 105 -7.29 17.18 -11.65
C LEU A 105 -6.15 18.18 -11.46
N ILE A 106 -5.44 18.07 -10.34
CA ILE A 106 -4.23 18.90 -10.08
C ILE A 106 -3.02 18.04 -10.38
N HIS A 107 -2.00 18.58 -11.08
CA HIS A 107 -0.81 17.80 -11.50
C HIS A 107 0.47 18.64 -11.34
N THR A 108 1.60 17.98 -11.12
CA THR A 108 2.95 18.61 -11.12
C THR A 108 3.43 18.69 -12.58
N PRO A 109 4.41 19.57 -12.89
CA PRO A 109 4.78 19.88 -14.30
C PRO A 109 5.19 18.70 -15.18
N GLU A 110 5.91 17.72 -14.63
CA GLU A 110 6.39 16.49 -15.33
C GLU A 110 5.24 15.73 -16.00
N HIS A 111 3.98 15.97 -15.61
CA HIS A 111 2.78 15.24 -16.10
C HIS A 111 1.97 16.09 -17.07
N ALA A 112 2.46 17.27 -17.46
CA ALA A 112 1.70 18.25 -18.29
C ALA A 112 1.30 17.61 -19.63
N GLU A 113 2.18 16.80 -20.22
CA GLU A 113 1.95 16.13 -21.54
C GLU A 113 0.83 15.07 -21.42
N THR A 114 1.01 14.11 -20.51
CA THR A 114 -0.03 13.11 -20.12
C THR A 114 -1.39 13.79 -19.94
N VAL A 115 -1.39 14.85 -19.12
CA VAL A 115 -2.61 15.60 -18.72
C VAL A 115 -3.26 16.24 -19.95
N ALA A 116 -2.49 16.86 -20.85
CA ALA A 116 -3.03 17.41 -22.14
C ALA A 116 -3.69 16.29 -22.92
N ALA A 117 -3.19 15.06 -22.81
CA ALA A 117 -3.66 13.91 -23.62
C ALA A 117 -4.92 13.25 -23.03
N LEU A 118 -5.44 13.66 -21.87
CA LEU A 118 -6.60 12.98 -21.21
C LEU A 118 -7.90 13.50 -21.83
N ALA A 119 -8.98 12.70 -21.80
CA ALA A 119 -10.36 13.10 -22.15
C ALA A 119 -10.83 14.18 -21.18
N GLY A 120 -10.50 15.45 -21.49
CA GLY A 120 -10.64 16.63 -20.61
C GLY A 120 -12.06 17.19 -20.57
N ASP A 121 -13.00 16.53 -21.25
CA ASP A 121 -14.48 16.70 -21.09
C ASP A 121 -14.83 16.86 -19.60
N ARG A 122 -15.39 18.00 -19.20
CA ARG A 122 -15.99 18.20 -17.83
C ARG A 122 -14.95 17.98 -16.71
N LEU A 123 -13.68 18.11 -17.03
CA LEU A 123 -12.54 18.02 -16.07
C LEU A 123 -11.70 19.31 -16.16
N LEU A 124 -11.58 20.03 -15.04
CA LEU A 124 -10.61 21.13 -14.86
C LEU A 124 -9.22 20.53 -14.63
N ARG A 125 -8.35 20.64 -15.63
CA ARG A 125 -6.94 20.18 -15.54
C ARG A 125 -6.07 21.38 -15.21
N VAL A 126 -5.28 21.33 -14.15
CA VAL A 126 -4.63 22.56 -13.61
C VAL A 126 -3.33 22.17 -12.91
N PRO A 127 -2.22 22.93 -13.14
CA PRO A 127 -0.97 22.66 -12.46
C PRO A 127 -1.10 22.96 -10.96
N ALA A 128 -0.31 22.24 -10.17
CA ALA A 128 -0.23 22.46 -8.71
C ALA A 128 0.14 23.92 -8.46
N GLY A 129 -0.51 24.59 -7.52
CA GLY A 129 -0.15 25.95 -7.07
C GLY A 129 -1.01 27.01 -7.73
N GLU A 130 -1.79 26.67 -8.76
CA GLU A 130 -2.55 27.68 -9.52
C GLU A 130 -3.90 28.00 -8.86
N LEU A 131 -4.62 27.04 -8.28
CA LEU A 131 -6.00 27.33 -7.79
C LEU A 131 -5.93 28.12 -6.47
N GLU A 132 -4.80 28.07 -5.77
CA GLU A 132 -4.64 28.73 -4.44
C GLU A 132 -5.19 30.16 -4.52
N ALA A 133 -6.21 30.48 -3.70
CA ALA A 133 -6.64 31.87 -3.40
C ALA A 133 -5.66 32.55 -2.43
N ALA A 134 -5.86 33.84 -2.15
CA ALA A 134 -5.07 34.63 -1.19
C ALA A 134 -5.68 34.50 0.23
N ASP A 135 -6.93 34.06 0.33
CA ASP A 135 -7.69 33.91 1.60
C ASP A 135 -7.25 32.64 2.35
N ASP A 136 -6.60 32.79 3.52
CA ASP A 136 -6.09 31.66 4.34
C ASP A 136 -6.94 31.43 5.60
N GLU A 137 -8.19 31.91 5.64
CA GLU A 137 -9.09 31.57 6.76
C GLU A 137 -9.66 30.17 6.51
N PRO A 138 -9.41 29.20 7.41
CA PRO A 138 -9.88 27.82 7.22
C PRO A 138 -11.42 27.79 7.15
N LEU A 139 -11.98 27.00 6.24
CA LEU A 139 -13.45 26.73 6.19
C LEU A 139 -13.78 25.70 7.25
N ASP A 140 -15.00 25.75 7.79
CA ASP A 140 -15.52 24.71 8.73
C ASP A 140 -16.88 24.19 8.23
N LEU A 141 -16.85 23.38 7.17
CA LEU A 141 -18.00 22.64 6.63
C LEU A 141 -18.32 21.41 7.51
N PRO A 142 -19.59 20.98 7.55
CA PRO A 142 -19.97 19.79 8.31
C PRO A 142 -19.45 18.54 7.59
N VAL A 143 -18.52 17.82 8.22
CA VAL A 143 -17.96 16.54 7.69
C VAL A 143 -17.97 15.51 8.81
N GLY A 144 -18.68 14.40 8.61
CA GLY A 144 -18.76 13.30 9.59
C GLY A 144 -17.69 12.25 9.27
N LEU A 145 -17.39 11.41 10.25
CA LEU A 145 -16.39 10.31 10.11
C LEU A 145 -16.88 9.29 9.08
N ASP A 146 -18.19 9.16 8.86
CA ASP A 146 -18.69 8.21 7.84
C ASP A 146 -18.69 8.84 6.44
N ASP A 147 -18.31 10.10 6.31
CA ASP A 147 -18.18 10.74 4.96
C ASP A 147 -16.95 10.16 4.26
N VAL A 148 -17.00 10.05 2.95
CA VAL A 148 -15.84 9.53 2.17
C VAL A 148 -14.74 10.58 2.17
N CYS A 149 -13.51 10.20 2.55
CA CYS A 149 -12.31 11.05 2.46
C CYS A 149 -11.61 10.86 1.11
N LEU A 150 -11.38 9.64 0.65
CA LEU A 150 -10.67 9.45 -0.63
C LEU A 150 -11.07 8.14 -1.29
N LEU A 151 -10.78 8.07 -2.58
CA LEU A 151 -10.99 6.86 -3.39
C LEU A 151 -9.60 6.32 -3.70
N MET A 152 -9.30 5.11 -3.28
CA MET A 152 -8.01 4.47 -3.61
C MET A 152 -8.27 3.24 -4.50
N TYR A 153 -7.80 3.33 -5.74
CA TYR A 153 -8.05 2.29 -6.77
C TYR A 153 -7.21 1.05 -6.48
N THR A 154 -7.86 -0.11 -6.56
CA THR A 154 -7.24 -1.46 -6.58
C THR A 154 -6.45 -1.63 -7.88
N SER A 155 -5.56 -2.61 -7.90
CA SER A 155 -4.76 -3.02 -9.08
C SER A 155 -5.66 -3.41 -10.26
N GLY A 156 -6.83 -3.98 -9.99
CA GLY A 156 -7.70 -4.59 -11.02
C GLY A 156 -7.00 -5.76 -11.66
N SER A 157 -6.43 -6.64 -10.83
CA SER A 157 -5.60 -7.79 -11.24
C SER A 157 -6.48 -9.03 -11.46
N GLY A 159 -10.09 -7.71 -13.50
CA GLY A 159 -11.14 -6.75 -13.93
C GLY A 159 -10.72 -5.30 -13.75
N ARG A 160 -11.54 -4.37 -14.24
N ARG A 160 -11.53 -4.35 -14.24
CA ARG A 160 -11.37 -2.90 -14.08
CA ARG A 160 -11.27 -2.90 -14.14
C ARG A 160 -10.98 -2.58 -12.63
C ARG A 160 -11.02 -2.53 -12.68
N PRO A 161 -10.03 -1.65 -12.39
CA PRO A 161 -9.79 -1.14 -11.02
C PRO A 161 -11.05 -0.61 -10.30
N LYS A 162 -11.15 -0.87 -9.01
CA LYS A 162 -12.30 -0.49 -8.14
C LYS A 162 -11.81 0.55 -7.13
N GLY A 163 -12.60 1.61 -6.95
CA GLY A 163 -12.33 2.73 -6.02
C GLY A 163 -12.70 2.35 -4.61
N ALA A 164 -11.73 2.01 -3.79
CA ALA A 164 -12.00 1.75 -2.35
C ALA A 164 -12.43 3.08 -1.72
N MET A 165 -13.64 3.15 -1.15
CA MET A 165 -14.14 4.36 -0.43
C MET A 165 -13.63 4.32 1.01
N LEU A 166 -12.56 5.04 1.29
CA LEU A 166 -12.00 5.18 2.66
C LEU A 166 -12.61 6.43 3.29
N THR A 167 -13.33 6.24 4.39
CA THR A 167 -13.97 7.34 5.11
C THR A 167 -12.92 8.09 5.90
N HIS A 168 -13.24 9.31 6.32
CA HIS A 168 -12.48 10.11 7.33
C HIS A 168 -12.27 9.22 8.56
N GLY A 169 -13.31 8.53 8.98
CA GLY A 169 -13.26 7.54 10.08
C GLY A 169 -12.28 6.41 9.81
N ASN A 170 -12.34 5.81 8.63
CA ASN A 170 -11.42 4.71 8.24
C ASN A 170 -9.97 5.14 8.50
N LEU A 171 -9.57 6.28 7.95
CA LEU A 171 -8.14 6.68 8.04
C LEU A 171 -7.83 7.16 9.46
N THR A 172 -8.77 7.81 10.12
CA THR A 172 -8.57 8.26 11.52
C THR A 172 -8.30 7.03 12.42
N TRP A 173 -9.14 6.01 12.34
CA TRP A 173 -9.02 4.82 13.22
C TRP A 173 -7.78 3.99 12.86
N ASN A 174 -7.36 3.99 11.59
CA ASN A 174 -6.07 3.35 11.20
C ASN A 174 -4.94 4.04 11.97
N CYS A 175 -4.90 5.38 11.95
CA CYS A 175 -3.91 6.19 12.69
C CYS A 175 -3.97 5.81 14.19
N VAL A 176 -5.17 5.67 14.74
CA VAL A 176 -5.35 5.26 16.17
C VAL A 176 -4.68 3.90 16.36
N ASN A 177 -4.97 2.90 15.49
CA ASN A 177 -4.33 1.57 15.54
C ASN A 177 -2.79 1.71 15.53
N VAL A 178 -2.23 2.54 14.64
CA VAL A 178 -0.76 2.74 14.53
C VAL A 178 -0.23 3.25 15.87
N LEU A 179 -0.90 4.26 16.43
CA LEU A 179 -0.49 4.94 17.68
C LEU A 179 -0.55 3.95 18.86
N VAL A 180 -1.48 3.03 18.85
CA VAL A 180 -1.65 2.04 19.95
C VAL A 180 -0.53 0.99 19.87
N GLU A 181 -0.22 0.50 18.67
CA GLU A 181 0.64 -0.68 18.51
C GLU A 181 2.08 -0.24 18.27
N THR A 182 2.34 1.02 17.91
CA THR A 182 3.69 1.54 17.57
C THR A 182 4.05 2.70 18.49
N ASP A 183 5.34 2.83 18.84
CA ASP A 183 5.82 3.96 19.68
C ASP A 183 6.28 5.13 18.81
N LEU A 184 5.39 6.06 18.50
CA LEU A 184 5.76 7.35 17.84
C LEU A 184 5.76 8.43 18.92
N ALA A 185 6.64 9.42 18.77
CA ALA A 185 6.75 10.58 19.66
C ALA A 185 6.54 11.86 18.85
N SER A 186 6.48 13.01 19.53
CA SER A 186 6.31 14.35 18.92
C SER A 186 7.55 14.73 18.10
N ASP A 187 8.70 14.09 18.33
CA ASP A 187 9.95 14.45 17.58
C ASP A 187 10.22 13.47 16.44
N GLU A 188 9.22 12.68 16.03
CA GLU A 188 9.38 11.71 14.91
C GLU A 188 9.86 12.46 13.65
N ARG A 189 10.77 11.86 12.92
CA ARG A 189 11.26 12.34 11.60
C ARG A 189 11.06 11.14 10.66
N ALA A 190 9.99 11.16 9.86
CA ALA A 190 9.51 10.00 9.08
C ALA A 190 9.88 10.17 7.61
N LEU A 191 10.59 9.20 7.05
CA LEU A 191 11.00 9.26 5.63
C LEU A 191 9.95 8.50 4.82
N VAL A 192 9.33 9.19 3.88
CA VAL A 192 8.29 8.63 2.99
C VAL A 192 8.88 8.55 1.58
N ALA A 193 9.46 7.39 1.27
CA ALA A 193 10.13 7.09 -0.01
C ALA A 193 9.29 6.08 -0.79
N ALA A 194 8.22 5.53 -0.20
CA ALA A 194 7.17 4.77 -0.91
C ALA A 194 5.98 5.69 -1.26
N PRO A 195 5.15 5.34 -2.26
CA PRO A 195 4.15 6.26 -2.76
C PRO A 195 2.95 6.47 -1.84
N LEU A 196 2.63 7.74 -1.63
CA LEU A 196 1.50 8.22 -0.80
C LEU A 196 0.19 7.84 -1.48
N PHE A 197 0.23 7.42 -2.75
CA PHE A 197 -1.01 7.05 -3.49
C PHE A 197 -1.42 5.63 -3.05
N HIS A 198 -0.56 4.92 -2.32
CA HIS A 198 -0.95 3.65 -1.63
C HIS A 198 -1.26 3.92 -0.16
N ALA A 199 -2.12 3.12 0.44
CA ALA A 199 -2.58 3.32 1.84
C ALA A 199 -1.39 3.13 2.79
N ALA A 200 -0.39 2.33 2.43
CA ALA A 200 0.65 1.92 3.39
C ALA A 200 1.42 3.17 3.85
N ALA A 201 2.03 3.91 2.92
CA ALA A 201 2.84 5.10 3.26
C ALA A 201 1.91 6.18 3.84
N LEU A 202 0.69 6.34 3.30
CA LEU A 202 -0.24 7.43 3.75
C LEU A 202 -0.70 7.11 5.17
N GLY A 203 -1.22 5.91 5.40
CA GLY A 203 -1.91 5.52 6.64
C GLY A 203 -0.96 5.05 7.73
N MET A 204 0.12 4.38 7.39
CA MET A 204 0.98 3.77 8.43
C MET A 204 2.05 4.76 8.91
N VAL A 205 2.49 5.70 8.06
CA VAL A 205 3.64 6.59 8.36
C VAL A 205 3.24 8.05 8.31
N CYS A 206 2.68 8.52 7.20
CA CYS A 206 2.48 9.96 6.95
C CYS A 206 1.45 10.58 7.91
N LEU A 207 0.21 10.12 7.89
CA LEU A 207 -0.88 10.67 8.73
C LEU A 207 -0.53 10.48 10.21
N PRO A 208 -0.12 9.30 10.71
CA PRO A 208 0.21 9.17 12.14
C PRO A 208 1.29 10.17 12.57
N THR A 209 2.31 10.39 11.74
CA THR A 209 3.40 11.35 12.08
C THR A 209 2.83 12.77 12.18
N LEU A 210 1.98 13.19 11.23
CA LEU A 210 1.35 14.52 11.28
C LEU A 210 0.47 14.65 12.52
N LEU A 211 -0.35 13.64 12.78
CA LEU A 211 -1.20 13.57 14.01
C LEU A 211 -0.31 13.76 15.25
N LYS A 212 0.89 13.19 15.27
CA LYS A 212 1.79 13.24 16.45
C LYS A 212 2.61 14.54 16.47
N GLY A 213 2.56 15.37 15.42
CA GLY A 213 3.26 16.65 15.35
C GLY A 213 4.73 16.46 14.98
N GLY A 214 5.05 15.36 14.33
CA GLY A 214 6.40 15.10 13.82
C GLY A 214 6.62 15.71 12.44
N THR A 215 7.69 15.27 11.79
CA THR A 215 8.15 15.79 10.48
C THR A 215 8.04 14.66 9.47
N VAL A 216 7.35 14.92 8.37
CA VAL A 216 7.25 14.01 7.19
C VAL A 216 8.29 14.49 6.18
N ILE A 217 9.28 13.66 5.88
CA ILE A 217 10.30 13.94 4.84
C ILE A 217 9.90 13.23 3.55
N LEU A 218 9.53 13.96 2.51
CA LEU A 218 9.03 13.34 1.25
C LEU A 218 10.17 13.25 0.24
N HIS A 219 10.43 12.05 -0.27
CA HIS A 219 11.24 11.79 -1.49
C HIS A 219 10.26 11.52 -2.63
N SER A 220 10.38 12.28 -3.72
CA SER A 220 9.55 12.12 -4.93
C SER A 220 9.79 10.78 -5.61
N ALA A 221 10.97 10.19 -5.43
CA ALA A 221 11.44 8.95 -6.05
C ALA A 221 12.20 8.14 -5.01
N PHE A 222 12.27 6.82 -5.16
CA PHE A 222 12.99 5.94 -4.22
C PHE A 222 14.39 5.72 -4.80
N ASP A 223 15.39 6.20 -4.09
CA ASP A 223 16.81 6.06 -4.47
C ASP A 223 17.54 5.58 -3.23
N PRO A 224 18.10 4.35 -3.23
CA PRO A 224 18.64 3.78 -2.00
C PRO A 224 19.77 4.68 -1.49
N GLY A 225 20.56 5.27 -2.39
CA GLY A 225 21.68 6.14 -2.00
C GLY A 225 21.19 7.36 -1.22
N ALA A 226 20.22 8.09 -1.80
CA ALA A 226 19.57 9.29 -1.23
C ALA A 226 18.86 8.93 0.09
N VAL A 227 18.28 7.73 0.21
CA VAL A 227 17.61 7.30 1.48
C VAL A 227 18.64 7.17 2.60
N LEU A 228 19.78 6.51 2.35
CA LEU A 228 20.89 6.37 3.34
C LEU A 228 21.40 7.74 3.76
N SER A 229 21.64 8.63 2.81
CA SER A 229 22.11 10.01 3.08
C SER A 229 21.10 10.73 3.98
N ALA A 230 19.81 10.68 3.61
CA ALA A 230 18.70 11.28 4.36
C ALA A 230 18.70 10.73 5.79
N VAL A 231 18.82 9.41 5.95
CA VAL A 231 18.74 8.82 7.32
C VAL A 231 19.75 9.54 8.23
N GLU A 232 20.98 9.75 7.75
CA GLU A 232 22.12 10.20 8.61
C GLU A 232 22.17 11.75 8.66
N GLN A 233 21.99 12.46 7.55
CA GLN A 233 21.90 13.96 7.56
C GLN A 233 20.64 14.44 8.28
N GLU A 234 19.46 13.86 8.01
CA GLU A 234 18.17 14.32 8.61
C GLU A 234 17.88 13.66 9.97
N ARG A 235 18.63 12.63 10.36
CA ARG A 235 18.38 11.82 11.59
C ARG A 235 16.98 11.17 11.53
N VAL A 236 16.64 10.49 10.43
CA VAL A 236 15.33 9.82 10.24
C VAL A 236 15.10 8.84 11.40
N THR A 237 13.91 8.85 12.02
CA THR A 237 13.57 7.95 13.16
C THR A 237 12.68 6.81 12.68
N LEU A 238 11.96 7.02 11.59
CA LEU A 238 10.82 6.17 11.18
C LEU A 238 10.86 6.03 9.67
N VAL A 239 10.80 4.81 9.16
CA VAL A 239 10.77 4.58 7.70
C VAL A 239 9.70 3.54 7.42
N PHE A 240 9.09 3.64 6.24
CA PHE A 240 8.24 2.58 5.63
C PHE A 240 8.86 2.12 4.33
N GLY A 241 8.95 0.81 4.13
CA GLY A 241 9.20 0.20 2.82
C GLY A 241 8.63 -1.22 2.72
N VAL A 242 8.74 -1.79 1.54
CA VAL A 242 8.57 -3.25 1.27
C VAL A 242 9.97 -3.85 1.21
N PRO A 243 10.13 -5.19 1.37
CA PRO A 243 11.46 -5.79 1.47
C PRO A 243 12.39 -5.44 0.29
N THR A 244 11.88 -5.34 -0.93
CA THR A 244 12.65 -4.92 -2.12
C THR A 244 13.37 -3.59 -1.86
N MET A 245 12.71 -2.62 -1.22
CA MET A 245 13.32 -1.31 -0.89
C MET A 245 14.43 -1.50 0.16
N TYR A 246 14.14 -2.16 1.28
CA TYR A 246 15.12 -2.37 2.37
C TYR A 246 16.31 -3.18 1.84
N GLN A 247 16.03 -4.11 0.92
CA GLN A 247 17.05 -4.89 0.15
C GLN A 247 17.94 -3.92 -0.64
N ALA A 248 17.39 -3.07 -1.52
CA ALA A 248 18.19 -2.12 -2.35
C ALA A 248 18.98 -1.18 -1.43
N ILE A 249 18.39 -0.69 -0.33
CA ILE A 249 19.10 0.17 0.67
C ILE A 249 20.33 -0.59 1.20
N ALA A 250 20.16 -1.84 1.59
CA ALA A 250 21.17 -2.68 2.28
C ALA A 250 22.22 -3.18 1.28
N ALA A 251 21.89 -3.17 -0.01
CA ALA A 251 22.79 -3.57 -1.12
C ALA A 251 23.65 -2.39 -1.58
N HIS A 252 23.28 -1.14 -1.26
CA HIS A 252 24.00 0.07 -1.75
C HIS A 252 25.39 0.15 -1.10
N PRO A 253 26.45 0.58 -1.83
CA PRO A 253 27.81 0.62 -1.27
C PRO A 253 27.99 1.50 -0.02
N ARG A 254 27.11 2.48 0.18
CA ARG A 254 27.15 3.44 1.33
C ARG A 254 26.52 2.80 2.58
N TRP A 255 25.80 1.70 2.46
CA TRP A 255 25.21 0.97 3.63
C TRP A 255 26.22 0.86 4.78
N ARG A 256 27.45 0.38 4.48
CA ARG A 256 28.45 -0.04 5.49
C ARG A 256 28.75 1.19 6.37
N SER A 257 28.90 2.35 5.76
CA SER A 257 29.48 3.57 6.39
C SER A 257 28.40 4.60 6.75
N THR A 258 27.11 4.31 6.50
CA THR A 258 26.00 5.23 6.86
C THR A 258 25.76 5.16 8.37
N ASP A 259 25.56 6.31 9.04
CA ASP A 259 25.10 6.35 10.45
C ASP A 259 23.60 6.02 10.47
N LEU A 260 23.23 4.86 11.00
CA LEU A 260 21.83 4.39 11.09
C LEU A 260 21.30 4.50 12.53
N SER A 261 22.06 5.11 13.45
CA SER A 261 21.77 5.18 14.91
C SER A 261 20.48 5.97 15.20
N SER A 262 20.05 6.88 14.31
CA SER A 262 18.81 7.71 14.46
C SER A 262 17.54 6.85 14.41
N LEU A 263 17.59 5.73 13.69
CA LEU A 263 16.39 4.93 13.33
C LEU A 263 15.80 4.28 14.58
N ARG A 264 14.51 4.47 14.83
CA ARG A 264 13.80 3.81 15.95
C ARG A 264 12.88 2.73 15.42
N THR A 265 12.20 3.01 14.31
CA THR A 265 11.10 2.17 13.79
C THR A 265 11.27 1.99 12.29
N LEU A 266 11.46 0.74 11.88
CA LEU A 266 11.38 0.29 10.48
C LEU A 266 10.08 -0.51 10.32
N LEU A 267 9.08 0.10 9.70
CA LEU A 267 7.84 -0.60 9.29
C LEU A 267 8.11 -1.26 7.95
N CYS A 268 7.78 -2.55 7.85
CA CYS A 268 7.89 -3.32 6.60
C CYS A 268 6.52 -3.86 6.21
N GLY A 269 6.02 -3.46 5.05
CA GLY A 269 4.75 -3.95 4.47
C GLY A 269 5.02 -4.98 3.39
N GLY A 270 3.99 -5.44 2.68
CA GLY A 270 4.11 -6.41 1.57
C GLY A 270 4.64 -7.75 2.05
N ALA A 271 5.39 -8.45 1.20
CA ALA A 271 5.99 -9.78 1.46
C ALA A 271 6.56 -9.83 2.87
N PRO A 272 6.66 -11.01 3.53
CA PRO A 272 7.46 -11.12 4.75
C PRO A 272 8.96 -10.92 4.46
N VAL A 273 9.74 -10.58 5.50
CA VAL A 273 11.19 -10.29 5.36
C VAL A 273 11.96 -11.60 5.30
N PRO A 274 12.72 -11.87 4.22
CA PRO A 274 13.66 -13.00 4.17
C PRO A 274 14.66 -12.89 5.33
N ALA A 275 15.02 -14.03 5.94
CA ALA A 275 15.85 -14.14 7.17
C ALA A 275 17.26 -13.60 6.92
N ASP A 276 17.70 -13.57 5.66
CA ASP A 276 18.99 -12.96 5.23
C ASP A 276 18.92 -11.44 5.39
N LEU A 277 17.85 -10.82 4.87
CA LEU A 277 17.59 -9.35 4.99
C LEU A 277 17.46 -8.98 6.48
N ALA A 278 16.64 -9.68 7.26
CA ALA A 278 16.50 -9.44 8.71
C ALA A 278 17.87 -9.60 9.40
N GLY A 279 18.72 -10.53 8.95
CA GLY A 279 20.09 -10.70 9.50
C GLY A 279 20.96 -9.50 9.20
N ARG A 280 20.99 -9.05 7.93
CA ARG A 280 21.75 -7.84 7.49
C ARG A 280 21.33 -6.65 8.38
N TYR A 281 20.03 -6.45 8.61
CA TYR A 281 19.50 -5.33 9.44
C TYR A 281 19.84 -5.60 10.91
N LEU A 282 19.65 -6.83 11.40
CA LEU A 282 19.92 -7.11 12.84
C LEU A 282 21.41 -6.86 13.14
N ASP A 283 22.28 -7.03 12.14
CA ASP A 283 23.74 -6.73 12.26
C ASP A 283 23.97 -5.26 12.68
N ARG A 284 23.06 -4.34 12.34
CA ARG A 284 23.23 -2.90 12.69
C ARG A 284 22.18 -2.50 13.72
N GLY A 285 21.78 -3.40 14.63
CA GLY A 285 20.84 -3.07 15.71
C GLY A 285 19.39 -2.81 15.24
N LEU A 286 19.04 -3.17 14.00
CA LEU A 286 17.73 -2.79 13.36
C LEU A 286 16.83 -4.02 13.21
N ALA A 287 15.56 -3.92 13.58
CA ALA A 287 14.57 -5.01 13.40
C ALA A 287 13.32 -4.40 12.79
N PHE A 288 12.58 -5.18 12.02
CA PHE A 288 11.39 -4.71 11.26
C PHE A 288 10.13 -4.92 12.08
N VAL A 289 9.27 -3.91 12.10
CA VAL A 289 7.82 -4.04 12.44
C VAL A 289 7.10 -4.45 11.15
N GLN A 290 6.68 -5.69 11.06
CA GLN A 290 6.08 -6.21 9.80
C GLN A 290 4.57 -6.03 9.94
N GLY A 291 3.96 -5.30 9.01
CA GLY A 291 2.50 -5.09 8.94
C GLY A 291 1.90 -5.89 7.79
N TYR A 292 0.72 -6.41 8.00
CA TYR A 292 -0.12 -6.99 6.94
C TYR A 292 -1.37 -6.13 6.83
N GLY A 293 -1.77 -5.81 5.61
CA GLY A 293 -3.10 -5.23 5.41
C GLY A 293 -3.32 -4.97 3.95
N MET A 294 -4.22 -4.07 3.63
CA MET A 294 -4.78 -3.93 2.27
C MET A 294 -5.46 -2.57 2.23
N THR A 295 -5.56 -1.99 1.05
CA THR A 295 -6.30 -0.74 0.77
C THR A 295 -7.64 -0.68 1.52
N GLU A 296 -8.43 -1.76 1.49
CA GLU A 296 -9.84 -1.80 1.99
C GLU A 296 -9.84 -1.71 3.54
N ALA A 297 -8.67 -1.84 4.17
CA ALA A 297 -8.55 -1.74 5.64
C ALA A 297 -7.79 -0.46 6.04
N ALA A 298 -7.56 0.46 5.09
CA ALA A 298 -7.00 1.83 5.26
C ALA A 298 -5.63 1.95 5.95
N PRO A 299 -4.64 1.02 5.92
CA PRO A 299 -4.76 -0.38 5.51
C PRO A 299 -4.48 -1.43 6.61
N GLY A 300 -4.19 -1.00 7.84
CA GLY A 300 -3.61 -1.86 8.90
C GLY A 300 -4.56 -2.95 9.36
N VAL A 301 -4.11 -4.19 9.37
CA VAL A 301 -4.90 -5.34 9.88
C VAL A 301 -4.10 -6.12 10.94
N LEU A 302 -2.92 -6.61 10.59
CA LEU A 302 -2.10 -7.49 11.46
C LEU A 302 -0.75 -6.84 11.67
N VAL A 303 -0.17 -7.05 12.84
CA VAL A 303 1.15 -6.50 13.20
C VAL A 303 1.96 -7.63 13.82
N LEU A 304 3.20 -7.80 13.36
CA LEU A 304 4.22 -8.69 13.94
C LEU A 304 5.35 -7.81 14.45
N ASP A 305 5.39 -7.57 15.75
CA ASP A 305 6.36 -6.62 16.36
C ASP A 305 7.72 -7.34 16.43
N ARG A 306 8.69 -6.80 17.15
CA ARG A 306 10.08 -7.32 17.15
C ARG A 306 10.18 -8.58 18.03
N ALA A 307 9.11 -8.93 18.76
CA ALA A 307 8.89 -10.23 19.46
C ALA A 307 7.65 -10.94 18.87
N GLU A 311 9.17 -14.21 18.50
CA GLU A 311 10.03 -14.55 17.33
C GLU A 311 9.42 -15.74 16.56
N LYS A 312 8.54 -15.46 15.57
CA LYS A 312 7.89 -16.45 14.66
C LYS A 312 8.08 -16.00 13.20
N ILE A 313 9.07 -16.57 12.49
CA ILE A 313 9.35 -16.24 11.06
C ILE A 313 8.18 -16.77 10.19
N GLY A 314 7.83 -16.04 9.12
CA GLY A 314 6.75 -16.38 8.19
C GLY A 314 5.43 -15.74 8.58
N SER A 315 5.13 -15.71 9.88
CA SER A 315 3.88 -15.19 10.49
C SER A 315 3.58 -13.76 10.02
N ALA A 316 2.31 -13.43 9.81
CA ALA A 316 1.84 -12.03 9.59
C ALA A 316 1.50 -11.34 10.92
N GLY A 317 1.38 -12.07 12.02
CA GLY A 317 1.26 -11.52 13.38
C GLY A 317 -0.19 -11.50 13.86
N VAL A 318 -0.57 -10.46 14.60
CA VAL A 318 -1.82 -10.43 15.43
C VAL A 318 -2.61 -9.18 15.07
N PRO A 319 -3.92 -9.15 15.40
CA PRO A 319 -4.78 -8.02 15.06
C PRO A 319 -4.31 -6.71 15.75
N SER A 320 -4.33 -5.61 14.98
CA SER A 320 -4.40 -4.23 15.51
C SER A 320 -5.61 -4.10 16.45
N PHE A 321 -5.48 -3.28 17.49
CA PHE A 321 -6.36 -3.18 18.67
C PHE A 321 -7.84 -3.07 18.23
N PHE A 322 -8.19 -2.12 17.36
CA PHE A 322 -9.61 -1.81 17.03
C PHE A 322 -10.12 -2.71 15.91
N THR A 323 -9.31 -3.62 15.42
CA THR A 323 -9.69 -4.50 14.29
C THR A 323 -10.04 -5.87 14.84
N ASP A 324 -10.93 -6.58 14.15
CA ASP A 324 -11.17 -8.03 14.38
C ASP A 324 -10.80 -8.82 13.12
N VAL A 325 -10.10 -9.93 13.31
CA VAL A 325 -9.56 -10.73 12.19
C VAL A 325 -9.81 -12.20 12.51
N ARG A 326 -10.25 -12.95 11.50
CA ARG A 326 -10.55 -14.40 11.57
C ARG A 326 -10.10 -15.05 10.28
N VAL A 327 -9.87 -16.36 10.33
CA VAL A 327 -9.79 -17.22 9.11
C VAL A 327 -11.16 -17.85 9.01
N ALA A 328 -11.82 -17.68 7.87
CA ALA A 328 -13.21 -18.14 7.68
C ALA A 328 -13.24 -19.16 6.54
N GLY A 329 -14.11 -20.16 6.64
CA GLY A 329 -14.46 -21.08 5.55
C GLY A 329 -15.25 -20.31 4.49
N PRO A 330 -15.60 -20.97 3.35
CA PRO A 330 -16.22 -20.30 2.21
C PRO A 330 -17.61 -19.72 2.52
N SER A 331 -18.26 -20.19 3.61
CA SER A 331 -19.58 -19.72 4.10
C SER A 331 -19.44 -18.98 5.44
N GLY A 332 -18.26 -18.42 5.73
CA GLY A 332 -18.00 -17.56 6.90
C GLY A 332 -17.81 -18.33 8.20
N GLU A 333 -18.19 -19.61 8.24
CA GLU A 333 -17.98 -20.50 9.42
C GLU A 333 -16.49 -20.48 9.77
N PRO A 334 -16.10 -20.19 11.03
CA PRO A 334 -14.68 -20.17 11.39
C PRO A 334 -14.17 -21.61 11.26
N VAL A 335 -12.88 -21.77 10.95
CA VAL A 335 -12.29 -23.04 10.42
C VAL A 335 -11.57 -23.75 11.57
N PRO A 336 -11.48 -25.10 11.55
CA PRO A 336 -10.77 -25.83 12.61
C PRO A 336 -9.34 -25.36 12.87
N PRO A 337 -8.91 -25.38 14.16
CA PRO A 337 -7.54 -25.02 14.54
C PRO A 337 -6.51 -25.51 13.51
N GLY A 338 -5.70 -24.58 12.97
CA GLY A 338 -4.60 -24.85 12.02
C GLY A 338 -5.05 -25.12 10.59
N GLU A 339 -6.35 -25.24 10.27
CA GLU A 339 -6.81 -25.52 8.89
C GLU A 339 -6.81 -24.21 8.10
N LYS A 340 -6.71 -24.30 6.79
CA LYS A 340 -6.67 -23.13 5.87
C LYS A 340 -8.09 -22.56 5.72
N GLY A 341 -8.18 -21.22 5.69
CA GLY A 341 -9.40 -20.49 5.31
C GLY A 341 -9.01 -19.14 4.76
N GLU A 342 -9.98 -18.24 4.61
CA GLU A 342 -9.75 -16.87 4.08
C GLU A 342 -9.70 -15.90 5.25
N ILE A 343 -8.74 -15.01 5.27
CA ILE A 343 -8.72 -13.91 6.28
C ILE A 343 -9.90 -12.99 5.97
N VAL A 344 -10.67 -12.72 7.01
CA VAL A 344 -11.78 -11.75 6.99
C VAL A 344 -11.51 -10.74 8.10
N VAL A 345 -11.82 -9.49 7.81
CA VAL A 345 -11.42 -8.29 8.58
C VAL A 345 -12.65 -7.45 8.86
N SER A 346 -12.82 -7.01 10.11
CA SER A 346 -13.88 -6.12 10.60
C SER A 346 -13.27 -5.02 11.45
N GLY A 347 -13.89 -3.85 11.50
CA GLY A 347 -13.43 -2.75 12.38
C GLY A 347 -13.65 -1.38 11.76
N PRO A 348 -13.41 -0.30 12.53
CA PRO A 348 -13.71 1.04 12.05
C PRO A 348 -12.71 1.54 10.99
N ASN A 349 -11.70 0.74 10.66
CA ASN A 349 -10.75 1.01 9.56
C ASN A 349 -11.24 0.45 8.22
N VAL A 350 -12.28 -0.39 8.23
CA VAL A 350 -12.69 -1.14 7.02
C VAL A 350 -13.59 -0.26 6.16
N MET A 351 -13.28 -0.19 4.86
CA MET A 351 -13.88 0.71 3.86
C MET A 351 -15.43 0.70 3.89
N LYS A 352 -16.03 1.78 3.43
CA LYS A 352 -17.48 1.87 3.18
C LYS A 352 -17.83 0.86 2.05
N GLY A 353 -16.97 0.74 1.03
CA GLY A 353 -17.27 -0.11 -0.14
C GLY A 353 -16.56 0.37 -1.40
N TYR A 354 -16.85 -0.24 -2.54
CA TYR A 354 -16.25 0.17 -3.82
C TYR A 354 -17.21 1.14 -4.52
N TRP A 355 -16.68 2.30 -4.86
CA TRP A 355 -17.34 3.47 -5.47
C TRP A 355 -18.19 3.02 -6.66
N GLY A 356 -19.50 3.21 -6.54
CA GLY A 356 -20.51 2.86 -7.55
C GLY A 356 -20.48 1.40 -7.97
N ARG A 357 -19.90 0.49 -7.17
CA ARG A 357 -19.90 -0.97 -7.47
C ARG A 357 -20.51 -1.73 -6.29
N PRO A 358 -21.84 -1.60 -6.08
CA PRO A 358 -22.47 -2.22 -4.92
C PRO A 358 -22.47 -3.76 -4.94
N GLU A 359 -22.67 -4.37 -6.12
CA GLU A 359 -22.73 -5.85 -6.25
C GLU A 359 -21.31 -6.37 -6.01
N ALA A 360 -20.30 -5.82 -6.66
CA ALA A 360 -18.91 -6.28 -6.42
C ALA A 360 -18.59 -6.10 -4.93
N THR A 361 -19.10 -5.03 -4.32
CA THR A 361 -18.88 -4.72 -2.89
C THR A 361 -19.48 -5.86 -2.06
N ALA A 362 -20.76 -6.22 -2.31
CA ALA A 362 -21.48 -7.26 -1.55
C ALA A 362 -20.79 -8.64 -1.70
N GLU A 363 -20.05 -8.93 -2.75
CA GLU A 363 -19.36 -10.24 -2.87
C GLU A 363 -18.24 -10.34 -1.83
N VAL A 364 -17.74 -9.21 -1.31
CA VAL A 364 -16.50 -9.16 -0.49
C VAL A 364 -16.74 -8.42 0.84
N LEU A 365 -17.83 -7.66 0.98
CA LEU A 365 -18.11 -6.93 2.23
C LEU A 365 -19.55 -7.18 2.69
N ARG A 366 -19.73 -7.80 3.85
CA ARG A 366 -21.06 -8.06 4.46
C ARG A 366 -20.92 -8.05 5.97
N ASP A 367 -21.86 -7.41 6.67
CA ASP A 367 -21.93 -7.40 8.15
C ASP A 367 -20.61 -6.80 8.70
N GLY A 368 -19.99 -5.90 7.92
CA GLY A 368 -18.74 -5.21 8.29
C GLY A 368 -17.52 -6.11 8.21
N TRP A 369 -17.67 -7.31 7.64
CA TRP A 369 -16.56 -8.25 7.39
C TRP A 369 -16.09 -8.18 5.93
N PHE A 370 -14.82 -7.86 5.69
CA PHE A 370 -14.17 -7.78 4.36
C PHE A 370 -13.37 -9.07 4.07
N ARG A 371 -13.67 -9.69 2.93
CA ARG A 371 -12.99 -10.91 2.41
C ARG A 371 -11.67 -10.48 1.79
N SER A 372 -10.55 -10.75 2.45
CA SER A 372 -9.20 -10.32 2.01
C SER A 372 -8.83 -10.91 0.63
N GLY A 373 -9.39 -12.07 0.27
CA GLY A 373 -8.84 -12.92 -0.82
C GLY A 373 -7.52 -13.62 -0.47
N ASP A 374 -7.10 -13.63 0.80
CA ASP A 374 -5.88 -14.34 1.26
C ASP A 374 -6.28 -15.62 1.99
N VAL A 375 -5.64 -16.72 1.60
CA VAL A 375 -5.73 -18.03 2.29
C VAL A 375 -4.75 -17.96 3.47
N ALA A 376 -5.10 -18.49 4.63
CA ALA A 376 -4.21 -18.41 5.80
C ALA A 376 -4.60 -19.43 6.85
N THR A 377 -3.73 -19.60 7.83
CA THR A 377 -3.98 -20.40 9.04
C THR A 377 -3.72 -19.51 10.24
N VAL A 378 -4.27 -19.87 11.40
CA VAL A 378 -4.02 -19.24 12.73
C VAL A 378 -3.53 -20.34 13.69
N ASP A 379 -2.44 -20.08 14.41
CA ASP A 379 -1.87 -21.04 15.40
C ASP A 379 -2.56 -20.84 16.75
N GLY A 380 -2.19 -21.63 17.75
CA GLY A 380 -2.87 -21.65 19.06
C GLY A 380 -2.58 -20.40 19.86
N ASP A 381 -1.53 -19.64 19.49
CA ASP A 381 -1.19 -18.32 20.05
C ASP A 381 -1.90 -17.16 19.31
N GLY A 382 -2.85 -17.43 18.42
CA GLY A 382 -3.56 -16.38 17.65
C GLY A 382 -2.70 -15.72 16.59
N TYR A 383 -1.58 -16.33 16.17
CA TYR A 383 -0.71 -15.76 15.09
C TYR A 383 -1.15 -16.26 13.72
N PHE A 384 -1.27 -15.33 12.77
CA PHE A 384 -1.76 -15.59 11.39
C PHE A 384 -0.58 -15.89 10.46
N HIS A 385 -0.76 -16.83 9.54
CA HIS A 385 0.20 -17.23 8.48
C HIS A 385 -0.53 -17.19 7.14
N VAL A 386 -0.13 -16.27 6.27
CA VAL A 386 -0.71 -16.08 4.91
C VAL A 386 -0.13 -17.18 4.04
N VAL A 387 -0.99 -18.03 3.47
CA VAL A 387 -0.54 -19.10 2.54
C VAL A 387 -0.42 -18.46 1.15
N ASP A 388 -1.48 -17.88 0.60
CA ASP A 388 -1.46 -17.42 -0.82
C ASP A 388 -2.69 -16.55 -1.15
N ARG A 389 -2.75 -16.00 -2.35
CA ARG A 389 -4.00 -15.41 -2.91
C ARG A 389 -4.93 -16.56 -3.35
N LEU A 390 -6.14 -16.59 -2.80
CA LEU A 390 -7.20 -17.57 -3.14
C LEU A 390 -7.37 -17.70 -4.67
N LYS A 391 -7.33 -16.59 -5.42
CA LYS A 391 -7.58 -16.60 -6.89
C LYS A 391 -6.46 -17.33 -7.63
N ASP A 392 -5.27 -17.49 -7.02
CA ASP A 392 -4.07 -18.09 -7.67
C ASP A 392 -4.11 -19.61 -7.49
N MET A 393 -4.92 -20.12 -6.57
CA MET A 393 -5.05 -21.57 -6.25
C MET A 393 -5.19 -22.35 -7.56
N ILE A 394 -4.62 -23.56 -7.61
CA ILE A 394 -4.73 -24.51 -8.77
C ILE A 394 -5.34 -25.81 -8.22
N ILE A 395 -6.48 -26.24 -8.76
CA ILE A 395 -7.14 -27.53 -8.39
C ILE A 395 -6.68 -28.62 -9.39
N SER A 396 -5.75 -29.48 -8.94
CA SER A 396 -5.10 -30.58 -9.70
C SER A 396 -5.50 -31.91 -9.07
N GLY A 397 -6.14 -32.80 -9.83
CA GLY A 397 -6.92 -33.90 -9.23
C GLY A 397 -7.95 -33.29 -8.31
N GLY A 398 -8.14 -33.80 -7.11
CA GLY A 398 -9.10 -33.23 -6.15
C GLY A 398 -8.46 -32.22 -5.20
N GLU A 399 -7.18 -31.91 -5.40
CA GLU A 399 -6.32 -31.26 -4.37
C GLU A 399 -5.97 -29.82 -4.75
N ASN A 400 -5.82 -28.96 -3.74
CA ASN A 400 -5.45 -27.53 -3.90
C ASN A 400 -3.93 -27.42 -3.98
N ILE A 401 -3.41 -26.82 -5.05
CA ILE A 401 -2.00 -26.33 -5.14
C ILE A 401 -2.02 -24.82 -4.88
N TYR A 402 -1.05 -24.32 -4.12
CA TYR A 402 -0.85 -22.88 -3.82
C TYR A 402 0.46 -22.46 -4.43
N PRO A 403 0.41 -21.74 -5.58
CA PRO A 403 1.62 -21.35 -6.31
C PRO A 403 2.73 -20.79 -5.43
N ALA A 404 2.40 -19.91 -4.47
CA ALA A 404 3.37 -19.18 -3.60
C ALA A 404 4.28 -20.19 -2.88
N GLU A 405 3.72 -21.29 -2.39
CA GLU A 405 4.50 -22.38 -1.72
C GLU A 405 5.49 -22.99 -2.72
N VAL A 406 5.00 -23.36 -3.90
CA VAL A 406 5.87 -23.95 -4.96
C VAL A 406 6.93 -22.91 -5.31
N GLU A 407 6.51 -21.66 -5.50
CA GLU A 407 7.41 -20.53 -5.87
C GLU A 407 8.51 -20.37 -4.81
N ASN A 408 8.14 -20.48 -3.54
CA ASN A 408 9.07 -20.28 -2.41
C ASN A 408 10.28 -21.23 -2.56
N GLU A 409 10.00 -22.51 -2.86
CA GLU A 409 11.05 -23.55 -3.07
C GLU A 409 11.88 -23.18 -4.30
N LEU A 410 11.21 -22.86 -5.40
CA LEU A 410 11.86 -22.56 -6.71
C LEU A 410 12.97 -21.49 -6.52
N TYR A 411 12.78 -20.54 -5.59
CA TYR A 411 13.73 -19.42 -5.30
C TYR A 411 14.95 -19.92 -4.53
N GLY A 412 14.87 -21.12 -3.94
CA GLY A 412 16.02 -21.88 -3.43
C GLY A 412 17.02 -22.26 -4.51
N TYR A 413 16.57 -22.46 -5.75
CA TYR A 413 17.36 -23.11 -6.83
C TYR A 413 18.29 -22.10 -7.49
N PRO A 414 19.61 -22.38 -7.51
CA PRO A 414 20.59 -21.52 -8.18
C PRO A 414 20.17 -20.97 -9.55
N GLY A 415 20.25 -19.64 -9.74
CA GLY A 415 20.04 -18.93 -11.02
C GLY A 415 18.57 -18.70 -11.37
N VAL A 416 17.68 -18.77 -10.38
CA VAL A 416 16.25 -18.36 -10.51
C VAL A 416 16.14 -16.94 -9.94
N GLU A 417 16.21 -15.94 -10.82
CA GLU A 417 16.05 -14.50 -10.48
C GLU A 417 14.56 -14.22 -10.15
N ALA A 418 13.65 -14.67 -11.02
CA ALA A 418 12.18 -14.52 -10.89
C ALA A 418 11.51 -15.82 -11.32
N CYS A 419 10.36 -16.15 -10.74
CA CYS A 419 9.52 -17.32 -11.14
C CYS A 419 8.06 -17.11 -10.75
N ALA A 420 7.13 -17.69 -11.52
CA ALA A 420 5.69 -17.80 -11.22
C ALA A 420 5.19 -19.21 -11.59
N VAL A 421 4.24 -19.75 -10.82
CA VAL A 421 3.65 -21.10 -11.02
C VAL A 421 2.15 -20.91 -11.32
N ILE A 422 1.73 -21.27 -12.52
CA ILE A 422 0.33 -21.13 -13.00
C ILE A 422 -0.28 -22.54 -13.19
N GLY A 423 -1.60 -22.63 -13.11
CA GLY A 423 -2.37 -23.78 -13.64
C GLY A 423 -2.46 -23.75 -15.16
N VAL A 424 -2.36 -24.92 -15.80
CA VAL A 424 -2.66 -25.15 -17.25
C VAL A 424 -3.65 -26.30 -17.35
N PRO A 425 -4.51 -26.33 -18.41
CA PRO A 425 -5.40 -27.45 -18.66
C PRO A 425 -4.69 -28.81 -18.62
N ASP A 426 -5.33 -29.79 -17.99
CA ASP A 426 -4.86 -31.20 -18.05
C ASP A 426 -6.07 -32.07 -18.36
N PRO A 427 -6.10 -32.74 -19.54
CA PRO A 427 -7.09 -33.78 -19.84
C PRO A 427 -7.48 -34.59 -18.60
N ARG A 428 -6.49 -35.09 -17.85
CA ARG A 428 -6.70 -36.12 -16.78
C ARG A 428 -7.00 -35.51 -15.41
N TRP A 429 -6.42 -34.34 -15.04
CA TRP A 429 -6.39 -33.84 -13.64
C TRP A 429 -7.14 -32.50 -13.48
N GLY A 430 -7.85 -32.05 -14.52
CA GLY A 430 -8.46 -30.70 -14.64
C GLY A 430 -7.41 -29.65 -14.91
N GLU A 431 -6.49 -29.45 -13.96
CA GLU A 431 -5.35 -28.50 -14.04
C GLU A 431 -4.08 -29.17 -13.47
N VAL A 432 -2.91 -28.81 -13.99
CA VAL A 432 -1.59 -29.13 -13.37
C VAL A 432 -0.87 -27.80 -13.29
N GLY A 433 0.26 -27.74 -12.57
CA GLY A 433 1.07 -26.52 -12.54
C GLY A 433 2.03 -26.46 -13.70
N LYS A 434 2.40 -25.26 -14.11
CA LYS A 434 3.60 -25.02 -14.94
C LYS A 434 4.39 -23.94 -14.22
N ALA A 435 5.69 -24.14 -14.03
CA ALA A 435 6.62 -23.09 -13.58
C ALA A 435 7.08 -22.29 -14.80
N VAL A 436 7.31 -20.99 -14.60
CA VAL A 436 7.78 -20.02 -15.60
C VAL A 436 8.89 -19.24 -14.91
N VAL A 437 10.12 -19.31 -15.42
CA VAL A 437 11.35 -18.83 -14.74
C VAL A 437 12.08 -17.81 -15.62
N VAL A 438 12.62 -16.77 -14.99
CA VAL A 438 13.68 -15.85 -15.53
C VAL A 438 15.00 -16.33 -14.94
N PRO A 439 15.95 -16.82 -15.78
CA PRO A 439 17.27 -17.20 -15.28
C PRO A 439 18.17 -15.97 -15.02
N ALA A 440 19.08 -16.06 -14.02
CA ALA A 440 19.95 -14.95 -13.54
C ALA A 440 21.03 -14.62 -14.58
N ALA A 441 21.95 -13.71 -14.24
CA ALA A 441 23.13 -13.34 -15.06
C ALA A 441 23.93 -14.60 -15.38
N GLY A 442 23.94 -15.02 -16.66
CA GLY A 442 24.74 -16.15 -17.20
C GLY A 442 24.77 -17.36 -16.27
N SER A 443 23.69 -18.15 -16.24
CA SER A 443 23.57 -19.42 -15.49
C SER A 443 22.99 -20.49 -16.42
N ARG A 444 23.69 -21.60 -16.62
CA ARG A 444 23.16 -22.79 -17.35
C ARG A 444 22.14 -23.48 -16.45
N ILE A 445 20.86 -23.12 -16.60
CA ILE A 445 19.74 -23.73 -15.85
C ILE A 445 19.10 -24.82 -16.72
N ASP A 446 19.15 -26.07 -16.24
CA ASP A 446 18.53 -27.24 -16.91
C ASP A 446 17.15 -27.47 -16.28
N GLY A 447 16.09 -27.40 -17.09
CA GLY A 447 14.68 -27.56 -16.67
C GLY A 447 14.41 -28.92 -16.05
N ALA A 448 14.99 -29.98 -16.63
CA ALA A 448 14.87 -31.37 -16.12
C ALA A 448 15.46 -31.44 -14.70
N GLU A 449 16.64 -30.84 -14.49
CA GLU A 449 17.35 -30.79 -13.17
C GLU A 449 16.51 -30.02 -12.16
N LEU A 450 16.06 -28.82 -12.54
CA LEU A 450 15.18 -27.94 -11.69
C LEU A 450 13.91 -28.72 -11.29
N LEU A 451 13.22 -29.36 -12.25
CA LEU A 451 11.96 -30.09 -11.95
C LEU A 451 12.25 -31.25 -10.98
N ALA A 452 13.32 -32.02 -11.24
CA ALA A 452 13.80 -33.11 -10.36
C ALA A 452 14.08 -32.55 -8.97
N TRP A 453 14.93 -31.52 -8.87
CA TRP A 453 15.20 -30.84 -7.58
C TRP A 453 13.87 -30.46 -6.90
N LEU A 454 12.93 -29.80 -7.61
CA LEU A 454 11.65 -29.39 -6.97
C LEU A 454 10.93 -30.61 -6.39
N ARG A 455 11.00 -31.74 -7.09
CA ARG A 455 10.23 -32.96 -6.73
C ARG A 455 10.73 -33.46 -5.37
N THR A 456 12.03 -33.30 -5.10
CA THR A 456 12.65 -33.76 -3.82
C THR A 456 12.18 -32.88 -2.65
N ARG A 457 11.57 -31.70 -2.92
CA ARG A 457 11.24 -30.67 -1.88
C ARG A 457 9.73 -30.62 -1.57
N LEU A 458 8.85 -31.23 -2.38
CA LEU A 458 7.37 -31.02 -2.28
C LEU A 458 6.65 -32.35 -2.50
N ALA A 459 5.45 -32.51 -1.91
CA ALA A 459 4.44 -33.50 -2.31
C ALA A 459 4.35 -33.51 -3.86
N GLY A 460 4.24 -34.72 -4.43
CA GLY A 460 4.16 -34.99 -5.88
C GLY A 460 3.18 -34.05 -6.59
N TYR A 461 1.92 -34.03 -6.12
CA TYR A 461 0.77 -33.34 -6.76
C TYR A 461 1.04 -31.83 -6.87
N LYS A 462 1.95 -31.26 -6.08
CA LYS A 462 2.29 -29.80 -6.09
C LYS A 462 3.39 -29.49 -7.11
N VAL A 463 4.05 -30.50 -7.67
CA VAL A 463 5.23 -30.26 -8.54
C VAL A 463 4.70 -29.86 -9.90
N PRO A 464 5.09 -28.71 -10.48
CA PRO A 464 4.69 -28.39 -11.85
C PRO A 464 5.16 -29.52 -12.77
N LYS A 465 4.41 -29.79 -13.85
CA LYS A 465 4.75 -30.84 -14.85
C LYS A 465 5.77 -30.32 -15.85
N SER A 466 5.92 -29.00 -15.99
CA SER A 466 6.82 -28.39 -17.00
C SER A 466 7.42 -27.10 -16.45
N VAL A 467 8.52 -26.65 -17.05
CA VAL A 467 9.14 -25.31 -16.85
C VAL A 467 9.29 -24.64 -18.22
N GLU A 468 9.18 -23.31 -18.27
CA GLU A 468 9.52 -22.52 -19.48
C GLU A 468 10.37 -21.33 -19.03
N PHE A 469 11.38 -20.99 -19.81
CA PHE A 469 12.33 -19.90 -19.48
C PHE A 469 12.02 -18.67 -20.37
N THR A 470 12.03 -17.51 -19.73
CA THR A 470 11.82 -16.16 -20.35
C THR A 470 12.91 -15.24 -19.76
N ASP A 471 13.06 -14.03 -20.30
CA ASP A 471 13.98 -12.99 -19.74
C ASP A 471 13.16 -12.00 -18.91
N ARG A 472 11.86 -11.90 -19.21
CA ARG A 472 10.94 -10.88 -18.65
C ARG A 472 9.67 -11.58 -18.13
N LEU A 473 9.36 -11.40 -16.85
CA LEU A 473 8.11 -11.84 -16.19
C LEU A 473 7.29 -10.59 -15.86
N PRO A 474 6.05 -10.44 -16.39
CA PRO A 474 5.30 -9.18 -16.28
C PRO A 474 5.20 -8.67 -14.82
N THR A 475 6.23 -7.93 -14.37
CA THR A 475 6.46 -7.42 -12.99
C THR A 475 6.35 -8.60 -12.00
N THR A 476 5.22 -8.75 -11.27
CA THR A 476 4.80 -9.99 -10.54
C THR A 476 3.29 -10.20 -10.78
N GLY A 477 2.85 -10.02 -12.03
CA GLY A 477 1.43 -10.02 -12.46
C GLY A 477 0.98 -11.36 -13.03
N SER A 478 0.64 -12.31 -12.15
CA SER A 478 -0.08 -13.57 -12.49
C SER A 478 -1.40 -13.17 -13.15
N GLY A 479 -1.82 -13.87 -14.20
CA GLY A 479 -2.95 -13.43 -15.05
C GLY A 479 -2.44 -12.87 -16.37
N LYS A 480 -1.43 -12.00 -16.32
CA LYS A 480 -0.59 -11.66 -17.50
C LYS A 480 0.25 -12.88 -17.85
N ILE A 481 0.89 -13.50 -16.85
CA ILE A 481 1.66 -14.77 -16.97
C ILE A 481 0.74 -15.85 -17.56
N LEU A 482 -0.50 -15.94 -17.08
CA LEU A 482 -1.50 -16.94 -17.55
C LEU A 482 -1.80 -16.76 -19.05
N LYS A 483 -1.40 -15.64 -19.67
CA LYS A 483 -1.56 -15.36 -21.13
C LYS A 483 -0.31 -15.83 -21.91
N GLY A 484 0.84 -15.20 -21.67
CA GLY A 484 2.15 -15.62 -22.21
C GLY A 484 2.45 -17.08 -21.93
N GLU A 485 2.11 -17.55 -20.71
CA GLU A 485 2.55 -18.84 -20.11
C GLU A 485 4.05 -19.03 -20.38
C1 PEG B . -18.68 -11.19 2.35
O1 PEG B . -19.29 -11.84 1.24
C2 PEG B . -18.79 -11.99 3.61
O2 PEG B . -17.71 -11.69 4.48
C3 PEG B . -17.39 -12.74 5.39
C4 PEG B . -18.48 -12.92 6.41
O4 PEG B . -18.02 -13.53 7.62
#